data_8Y22
#
_entry.id   8Y22
#
_cell.length_a   210.105
_cell.length_b   56.922
_cell.length_c   65.066
_cell.angle_alpha   90.00
_cell.angle_beta   107.47
_cell.angle_gamma   90.00
#
_symmetry.space_group_name_H-M   'C 1 2 1'
#
loop_
_entity.id
_entity.type
_entity.pdbx_description
1 polymer 'Fibroblast growth factor receptor 1'
2 non-polymer ~{N}-[4-[[4-azanyl-3-(7-methoxy-5-methyl-1-benzothiophen-2-yl)pyrazolo[3,4-d]pyrimidin-1-yl]methyl]phenyl]propanamide
3 non-polymer 'SULFATE ION'
4 water water
#
_entity_poly.entity_id   1
_entity_poly.type   'polypeptide(L)'
_entity_poly.pdbx_seq_one_letter_code
;AGVSEYELPEDPRWELPRDRLVLGKPLGEGCFGQVVLAEAIGLDKDKPNRVTKVAVKMLKSDATEKDLSDLISEMEMMKM
IGKHKNIINLLGACTQDGPLYVIVEYASKGNLREYLQARRPPGLEYSYNPSHNPEEQLSSKDLVSCAYQVARGMEYLASK
KCIHRDLAARNVLVTEDNVMKIADFGLARDIHHIDYYKKTTNGRLPVKWMAPEALFDRIYTHQSDVWSFGVLLWEIFTLG
GSPYPGVPVEELFKLLKEGHRMDKPSNCTNELYMMMRDCWHAVPSQRPTFKQLVEDLDRIVALTSNQE
;
_entity_poly.pdbx_strand_id   B,A
#
# COMPACT_ATOMS: atom_id res chain seq x y z
N TYR A 6 -37.28 24.38 5.07
CA TYR A 6 -37.93 24.52 3.77
C TYR A 6 -39.34 23.94 3.76
N GLU A 7 -39.66 23.27 2.66
CA GLU A 7 -40.97 22.65 2.45
C GLU A 7 -40.91 21.14 2.66
N LEU A 8 -39.82 20.67 3.27
CA LEU A 8 -39.53 19.24 3.34
C LEU A 8 -40.37 18.49 4.36
N PRO A 9 -40.89 17.31 3.96
CA PRO A 9 -41.62 16.40 4.85
C PRO A 9 -40.69 15.69 5.82
N GLU A 10 -41.15 15.46 7.05
CA GLU A 10 -40.32 14.82 8.05
C GLU A 10 -40.17 13.33 7.78
N ASP A 11 -38.97 12.81 8.01
CA ASP A 11 -38.68 11.40 7.83
C ASP A 11 -37.82 10.89 8.98
N PRO A 12 -38.46 10.38 10.04
CA PRO A 12 -37.82 9.93 11.27
C PRO A 12 -36.79 8.80 11.06
N ARG A 13 -36.83 8.18 9.88
CA ARG A 13 -35.88 7.12 9.56
C ARG A 13 -34.45 7.65 9.40
N TRP A 14 -34.32 8.89 8.95
CA TRP A 14 -33.04 9.44 8.58
C TRP A 14 -32.72 10.79 9.23
N GLU A 15 -33.70 11.37 9.91
CA GLU A 15 -33.54 12.71 10.47
C GLU A 15 -32.54 12.74 11.61
N LEU A 16 -31.67 13.74 11.59
CA LEU A 16 -30.71 13.96 12.67
C LEU A 16 -30.86 15.36 13.23
N PRO A 17 -30.88 15.50 14.56
CA PRO A 17 -30.93 16.83 15.18
C PRO A 17 -29.73 17.67 14.75
N ARG A 18 -29.98 18.92 14.37
CA ARG A 18 -28.93 19.78 13.80
C ARG A 18 -27.78 20.03 14.77
N ASP A 19 -28.06 19.98 16.07
CA ASP A 19 -27.02 20.17 17.08
C ASP A 19 -26.20 18.90 17.31
N ARG A 20 -26.37 17.91 16.43
CA ARG A 20 -25.57 16.69 16.48
C ARG A 20 -24.61 16.65 15.30
N LEU A 21 -24.51 17.77 14.59
CA LEU A 21 -23.68 17.86 13.40
C LEU A 21 -22.72 19.04 13.48
N VAL A 22 -21.49 18.76 13.89
CA VAL A 22 -20.45 19.78 13.97
C VAL A 22 -19.81 19.99 12.61
N LEU A 23 -20.21 21.06 11.92
CA LEU A 23 -19.73 21.32 10.56
C LEU A 23 -18.26 21.71 10.53
N GLY A 24 -17.56 21.24 9.51
CA GLY A 24 -16.12 21.48 9.39
C GLY A 24 -15.71 22.17 8.10
N LYS A 25 -14.52 21.82 7.61
CA LYS A 25 -13.94 22.47 6.44
C LYS A 25 -14.49 21.90 5.13
N PRO A 26 -14.63 22.76 4.10
CA PRO A 26 -15.08 22.36 2.76
C PRO A 26 -14.23 21.24 2.15
N LEU A 27 -14.91 20.24 1.57
CA LEU A 27 -14.22 19.09 0.97
C LEU A 27 -14.26 19.21 -0.56
N GLY A 28 -13.15 19.62 -1.16
CA GLY A 28 -13.16 20.00 -2.57
C GLY A 28 -13.98 21.28 -2.71
N GLU A 29 -14.17 21.76 -3.94
CA GLU A 29 -14.98 22.96 -4.12
C GLU A 29 -16.29 22.63 -4.83
N GLY A 30 -17.40 23.14 -4.30
CA GLY A 30 -18.73 22.78 -4.75
C GLY A 30 -19.09 23.07 -6.20
N CYS A 31 -19.34 22.01 -6.97
CA CYS A 31 -19.71 22.12 -8.38
C CYS A 31 -21.18 22.45 -8.69
N PHE A 32 -22.07 21.60 -8.19
CA PHE A 32 -23.50 21.84 -8.09
C PHE A 32 -23.92 21.39 -6.69
N GLY A 33 -23.58 22.21 -5.71
CA GLY A 33 -23.78 21.87 -4.31
C GLY A 33 -22.45 21.75 -3.58
N GLN A 34 -22.40 22.34 -2.38
CA GLN A 34 -21.19 22.30 -1.57
C GLN A 34 -21.11 21.03 -0.73
N VAL A 35 -19.92 20.46 -0.64
CA VAL A 35 -19.67 19.31 0.22
C VAL A 35 -18.67 19.69 1.30
N VAL A 36 -19.05 19.49 2.56
CA VAL A 36 -18.15 19.79 3.66
C VAL A 36 -17.92 18.58 4.55
N LEU A 37 -16.74 18.50 5.15
CA LEU A 37 -16.46 17.51 6.18
C LEU A 37 -17.23 17.91 7.44
N ALA A 38 -17.63 16.93 8.24
CA ALA A 38 -18.37 17.21 9.46
C ALA A 38 -18.23 16.07 10.47
N GLU A 39 -18.69 16.34 11.70
CA GLU A 39 -18.69 15.33 12.75
C GLU A 39 -20.10 15.13 13.29
N ALA A 40 -20.55 13.88 13.27
CA ALA A 40 -21.89 13.58 13.76
C ALA A 40 -21.82 12.92 15.14
N ILE A 41 -22.51 13.52 16.09
CA ILE A 41 -22.55 12.98 17.44
C ILE A 41 -23.71 12.00 17.59
N GLY A 42 -23.37 10.73 17.80
CA GLY A 42 -24.37 9.71 18.06
C GLY A 42 -25.27 9.38 16.88
N LEU A 43 -24.67 9.06 15.75
CA LEU A 43 -25.44 8.54 14.62
C LEU A 43 -26.04 7.19 15.02
N ASP A 44 -25.20 6.36 15.64
CA ASP A 44 -25.65 5.10 16.20
C ASP A 44 -26.62 5.37 17.35
N LYS A 45 -27.86 4.90 17.21
CA LYS A 45 -28.90 5.15 18.21
C LYS A 45 -28.55 4.58 19.57
N ASP A 46 -27.68 3.57 19.60
CA ASP A 46 -27.28 2.94 20.84
C ASP A 46 -25.81 3.21 21.19
N LYS A 47 -25.18 4.08 20.40
CA LYS A 47 -23.85 4.59 20.73
C LYS A 47 -23.83 6.11 20.58
N PRO A 48 -24.56 6.81 21.47
CA PRO A 48 -24.82 8.25 21.31
C PRO A 48 -23.67 9.15 21.78
N ASN A 49 -22.60 8.57 22.31
CA ASN A 49 -21.49 9.38 22.81
C ASN A 49 -20.23 9.24 21.98
N ARG A 50 -20.38 8.81 20.73
CA ARG A 50 -19.24 8.67 19.82
C ARG A 50 -19.41 9.55 18.60
N VAL A 51 -18.34 10.23 18.19
CA VAL A 51 -18.40 11.04 16.98
C VAL A 51 -17.97 10.23 15.77
N THR A 52 -18.60 10.52 14.64
CA THR A 52 -18.28 9.85 13.39
C THR A 52 -18.03 10.90 12.31
N LYS A 53 -16.90 10.78 11.62
CA LYS A 53 -16.60 11.69 10.53
C LYS A 53 -17.53 11.40 9.35
N VAL A 54 -18.16 12.45 8.84
CA VAL A 54 -19.11 12.30 7.74
C VAL A 54 -18.89 13.36 6.67
N ALA A 55 -19.56 13.19 5.54
CA ALA A 55 -19.55 14.19 4.48
C ALA A 55 -20.96 14.75 4.33
N VAL A 56 -21.06 16.08 4.31
CA VAL A 56 -22.36 16.73 4.23
C VAL A 56 -22.49 17.54 2.94
N LYS A 57 -23.54 17.25 2.17
CA LYS A 57 -23.83 17.99 0.95
C LYS A 57 -24.98 18.96 1.19
N MET A 58 -24.85 20.17 0.68
CA MET A 58 -25.86 21.21 0.86
C MET A 58 -26.00 22.08 -0.39
N LEU A 59 -26.87 23.07 -0.32
CA LEU A 59 -27.11 23.97 -1.45
C LEU A 59 -26.28 25.24 -1.34
N LYS A 60 -25.82 25.74 -2.48
CA LYS A 60 -25.10 27.02 -2.52
C LYS A 60 -26.07 28.17 -2.23
N SER A 61 -25.53 29.37 -2.05
CA SER A 61 -26.36 30.53 -1.80
C SER A 61 -27.20 30.86 -3.03
N ASP A 62 -26.56 30.85 -4.19
CA ASP A 62 -27.26 31.05 -5.46
C ASP A 62 -27.81 29.72 -5.97
N ALA A 63 -28.76 29.15 -5.22
CA ALA A 63 -29.36 27.88 -5.59
C ALA A 63 -30.82 28.06 -5.98
N THR A 64 -31.24 27.34 -7.02
CA THR A 64 -32.59 27.44 -7.54
C THR A 64 -33.54 26.50 -6.79
N GLU A 65 -34.80 26.51 -7.20
CA GLU A 65 -35.77 25.55 -6.67
C GLU A 65 -35.51 24.20 -7.32
N LYS A 66 -34.95 24.23 -8.52
CA LYS A 66 -34.58 23.02 -9.24
C LYS A 66 -33.41 22.34 -8.53
N ASP A 67 -32.42 23.13 -8.12
CA ASP A 67 -31.26 22.62 -7.40
C ASP A 67 -31.70 21.94 -6.11
N LEU A 68 -32.70 22.53 -5.45
CA LEU A 68 -33.29 21.94 -4.25
C LEU A 68 -33.91 20.59 -4.57
N SER A 69 -34.80 20.58 -5.56
CA SER A 69 -35.50 19.35 -5.94
C SER A 69 -34.52 18.28 -6.41
N ASP A 70 -33.43 18.71 -7.03
CA ASP A 70 -32.39 17.79 -7.48
C ASP A 70 -31.69 17.11 -6.30
N LEU A 71 -31.40 17.89 -5.26
CA LEU A 71 -30.76 17.34 -4.06
C LEU A 71 -31.71 16.40 -3.34
N ILE A 72 -33.00 16.75 -3.33
CA ILE A 72 -34.01 15.91 -2.69
C ILE A 72 -34.11 14.56 -3.39
N SER A 73 -34.11 14.60 -4.73
CA SER A 73 -34.18 13.41 -5.56
C SER A 73 -33.05 12.43 -5.25
N GLU A 74 -31.83 12.97 -5.19
CA GLU A 74 -30.64 12.17 -4.91
C GLU A 74 -30.74 11.50 -3.54
N MET A 75 -31.24 12.22 -2.56
CA MET A 75 -31.40 11.68 -1.21
C MET A 75 -32.42 10.55 -1.20
N GLU A 76 -33.53 10.75 -1.89
CA GLU A 76 -34.61 9.76 -1.91
C GLU A 76 -34.18 8.48 -2.60
N MET A 77 -33.34 8.60 -3.63
CA MET A 77 -32.86 7.43 -4.34
C MET A 77 -31.98 6.57 -3.46
N MET A 78 -31.10 7.20 -2.70
CA MET A 78 -30.18 6.48 -1.84
C MET A 78 -30.93 5.76 -0.72
N LYS A 79 -32.05 6.34 -0.28
CA LYS A 79 -32.92 5.68 0.68
C LYS A 79 -33.45 4.36 0.10
N MET A 80 -33.85 4.41 -1.16
CA MET A 80 -34.41 3.25 -1.85
C MET A 80 -33.37 2.16 -2.09
N ILE A 81 -32.23 2.55 -2.67
CA ILE A 81 -31.19 1.60 -3.06
C ILE A 81 -30.66 0.78 -1.88
N GLY A 82 -30.53 1.41 -0.72
CA GLY A 82 -30.08 0.71 0.47
C GLY A 82 -28.57 0.73 0.61
N LYS A 83 -28.06 -0.05 1.56
CA LYS A 83 -26.65 -0.01 1.90
C LYS A 83 -25.83 -1.12 1.26
N HIS A 84 -24.62 -0.76 0.86
CA HIS A 84 -23.64 -1.75 0.42
C HIS A 84 -22.24 -1.26 0.80
N LYS A 85 -21.34 -2.21 1.03
CA LYS A 85 -19.98 -1.89 1.46
C LYS A 85 -19.23 -0.99 0.46
N ASN A 86 -19.46 -1.21 -0.82
CA ASN A 86 -18.68 -0.55 -1.86
C ASN A 86 -19.41 0.61 -2.55
N ILE A 87 -20.35 1.23 -1.85
CA ILE A 87 -20.93 2.49 -2.31
C ILE A 87 -20.95 3.49 -1.17
N ILE A 88 -20.87 4.78 -1.49
CA ILE A 88 -21.00 5.81 -0.47
C ILE A 88 -22.43 5.81 0.06
N ASN A 89 -22.60 5.36 1.30
CA ASN A 89 -23.93 5.16 1.87
C ASN A 89 -24.51 6.39 2.54
N LEU A 90 -25.84 6.48 2.52
CA LEU A 90 -26.54 7.53 3.24
C LEU A 90 -26.54 7.22 4.74
N LEU A 91 -26.18 8.20 5.55
CA LEU A 91 -26.10 8.01 6.99
C LEU A 91 -27.21 8.74 7.73
N GLY A 92 -27.71 9.83 7.13
CA GLY A 92 -28.77 10.61 7.73
C GLY A 92 -29.01 11.91 6.97
N ALA A 93 -29.87 12.77 7.52
CA ALA A 93 -30.17 14.05 6.89
C ALA A 93 -30.76 15.06 7.87
N CYS A 94 -30.53 16.34 7.59
CA CYS A 94 -31.16 17.43 8.34
C CYS A 94 -32.13 18.17 7.43
N THR A 95 -33.42 17.95 7.64
CA THR A 95 -34.43 18.44 6.71
C THR A 95 -35.37 19.47 7.34
N GLN A 96 -35.41 19.52 8.67
CA GLN A 96 -36.36 20.38 9.36
C GLN A 96 -35.70 21.61 10.01
N ASP A 97 -36.42 22.72 9.97
CA ASP A 97 -36.00 23.96 10.61
C ASP A 97 -34.62 24.42 10.15
N GLY A 98 -34.50 24.75 8.87
CA GLY A 98 -33.24 25.22 8.33
C GLY A 98 -32.93 24.62 6.97
N PRO A 99 -31.69 24.85 6.48
CA PRO A 99 -31.23 24.37 5.18
C PRO A 99 -31.06 22.85 5.14
N LEU A 100 -31.31 22.26 3.97
CA LEU A 100 -31.19 20.82 3.80
C LEU A 100 -29.75 20.34 3.89
N TYR A 101 -29.51 19.35 4.74
CA TYR A 101 -28.22 18.69 4.85
C TYR A 101 -28.35 17.21 4.54
N VAL A 102 -27.59 16.74 3.54
CA VAL A 102 -27.58 15.31 3.26
C VAL A 102 -26.26 14.72 3.72
N ILE A 103 -26.34 13.77 4.65
CA ILE A 103 -25.17 13.22 5.30
C ILE A 103 -24.81 11.84 4.75
N VAL A 104 -23.59 11.70 4.24
CA VAL A 104 -23.12 10.43 3.70
C VAL A 104 -21.80 10.00 4.35
N GLU A 105 -21.37 8.78 4.06
CA GLU A 105 -20.11 8.25 4.59
C GLU A 105 -18.92 9.06 4.10
N TYR A 106 -17.88 9.14 4.93
CA TYR A 106 -16.70 9.92 4.61
C TYR A 106 -15.55 9.06 4.08
N ALA A 107 -14.95 9.50 2.99
CA ALA A 107 -13.79 8.82 2.40
C ALA A 107 -12.57 9.73 2.48
N SER A 108 -11.63 9.36 3.36
CA SER A 108 -10.52 10.25 3.71
C SER A 108 -9.38 10.30 2.69
N LYS A 109 -9.37 9.35 1.75
CA LYS A 109 -8.22 9.24 0.84
C LYS A 109 -8.53 9.64 -0.60
N GLY A 110 -9.38 10.64 -0.79
CA GLY A 110 -9.68 11.19 -2.11
C GLY A 110 -10.34 10.21 -3.08
N ASN A 111 -10.43 10.60 -4.34
CA ASN A 111 -11.01 9.71 -5.35
C ASN A 111 -9.98 8.68 -5.81
N LEU A 112 -10.44 7.73 -6.62
CA LEU A 112 -9.60 6.62 -7.05
C LEU A 112 -8.44 7.07 -7.93
N ARG A 113 -8.68 8.07 -8.78
CA ARG A 113 -7.63 8.58 -9.64
C ARG A 113 -6.48 9.17 -8.82
N GLU A 114 -6.81 10.06 -7.88
CA GLU A 114 -5.82 10.66 -7.00
C GLU A 114 -5.08 9.59 -6.20
N TYR A 115 -5.84 8.68 -5.61
CA TYR A 115 -5.30 7.56 -4.83
C TYR A 115 -4.27 6.78 -5.64
N LEU A 116 -4.59 6.51 -6.90
CA LEU A 116 -3.71 5.73 -7.76
C LEU A 116 -2.46 6.51 -8.18
N GLN A 117 -2.63 7.81 -8.43
CA GLN A 117 -1.52 8.64 -8.86
C GLN A 117 -0.52 8.88 -7.73
N ALA A 118 -1.04 9.07 -6.52
CA ALA A 118 -0.20 9.37 -5.36
C ALA A 118 0.60 8.14 -4.90
N ARG A 119 0.37 7.01 -5.55
CA ARG A 119 1.09 5.79 -5.22
C ARG A 119 1.84 5.27 -6.44
N ARG A 120 2.07 6.16 -7.41
CA ARG A 120 2.88 5.84 -8.57
C ARG A 120 4.37 5.79 -8.20
N PRO A 121 5.08 4.79 -8.71
CA PRO A 121 6.54 4.76 -8.55
C PRO A 121 7.17 5.94 -9.31
N PRO A 122 8.18 6.60 -8.70
CA PRO A 122 8.77 7.81 -9.28
C PRO A 122 9.41 7.56 -10.65
N GLU A 135 4.63 7.52 0.07
CA GLU A 135 3.42 6.70 0.11
C GLU A 135 3.64 5.37 -0.58
N GLU A 136 3.39 4.29 0.14
CA GLU A 136 3.66 2.93 -0.33
C GLU A 136 2.99 2.61 -1.66
N GLN A 137 3.70 1.86 -2.51
CA GLN A 137 3.19 1.46 -3.82
C GLN A 137 2.12 0.38 -3.70
N LEU A 138 1.36 0.20 -4.77
CA LEU A 138 0.32 -0.81 -4.80
C LEU A 138 0.80 -2.06 -5.55
N SER A 139 0.57 -3.22 -4.95
CA SER A 139 0.95 -4.48 -5.57
C SER A 139 0.01 -4.82 -6.72
N SER A 140 0.36 -5.84 -7.49
CA SER A 140 -0.49 -6.30 -8.58
C SER A 140 -1.82 -6.80 -8.03
N LYS A 141 -1.80 -7.35 -6.83
CA LYS A 141 -3.01 -7.84 -6.18
C LYS A 141 -3.88 -6.68 -5.73
N ASP A 142 -3.25 -5.60 -5.29
CA ASP A 142 -3.96 -4.40 -4.85
C ASP A 142 -4.81 -3.80 -5.98
N LEU A 143 -4.22 -3.69 -7.16
CA LEU A 143 -4.89 -3.10 -8.30
C LEU A 143 -6.09 -3.93 -8.74
N VAL A 144 -5.92 -5.25 -8.78
CA VAL A 144 -7.01 -6.15 -9.14
C VAL A 144 -8.09 -6.13 -8.06
N SER A 145 -7.65 -6.05 -6.80
CA SER A 145 -8.58 -5.95 -5.67
C SER A 145 -9.42 -4.70 -5.78
N CYS A 146 -8.82 -3.61 -6.27
CA CYS A 146 -9.54 -2.37 -6.51
C CYS A 146 -10.62 -2.55 -7.56
N ALA A 147 -10.27 -3.23 -8.65
CA ALA A 147 -11.21 -3.53 -9.71
C ALA A 147 -12.37 -4.37 -9.19
N TYR A 148 -12.04 -5.35 -8.36
CA TYR A 148 -13.04 -6.25 -7.79
C TYR A 148 -14.08 -5.49 -6.95
N GLN A 149 -13.61 -4.60 -6.09
CA GLN A 149 -14.50 -3.85 -5.22
C GLN A 149 -15.46 -2.96 -6.01
N VAL A 150 -14.93 -2.21 -6.97
CA VAL A 150 -15.76 -1.34 -7.81
C VAL A 150 -16.78 -2.17 -8.58
N ALA A 151 -16.36 -3.34 -9.06
CA ALA A 151 -17.26 -4.24 -9.77
C ALA A 151 -18.38 -4.74 -8.85
N ARG A 152 -18.07 -4.89 -7.57
CA ARG A 152 -19.06 -5.31 -6.60
C ARG A 152 -20.07 -4.21 -6.32
N GLY A 153 -19.57 -2.99 -6.16
CA GLY A 153 -20.42 -1.84 -5.93
C GLY A 153 -21.40 -1.64 -7.08
N MET A 154 -20.90 -1.82 -8.29
CA MET A 154 -21.75 -1.69 -9.48
C MET A 154 -22.73 -2.86 -9.59
N GLU A 155 -22.29 -4.06 -9.22
CA GLU A 155 -23.17 -5.22 -9.24
C GLU A 155 -24.37 -4.99 -8.35
N TYR A 156 -24.14 -4.46 -7.15
CA TYR A 156 -25.21 -4.15 -6.22
C TYR A 156 -26.11 -3.07 -6.77
N LEU A 157 -25.52 -1.98 -7.23
CA LEU A 157 -26.27 -0.86 -7.78
C LEU A 157 -27.14 -1.31 -8.95
N ALA A 158 -26.57 -2.10 -9.86
CA ALA A 158 -27.31 -2.63 -10.99
C ALA A 158 -28.42 -3.57 -10.53
N SER A 159 -28.13 -4.31 -9.47
CA SER A 159 -29.12 -5.19 -8.84
C SER A 159 -30.32 -4.40 -8.30
N LYS A 160 -30.10 -3.14 -7.94
CA LYS A 160 -31.18 -2.27 -7.46
C LYS A 160 -31.71 -1.39 -8.58
N LYS A 161 -31.52 -1.83 -9.82
CA LYS A 161 -32.05 -1.17 -11.01
C LYS A 161 -31.49 0.26 -11.18
N CYS A 162 -30.26 0.47 -10.71
CA CYS A 162 -29.65 1.80 -10.76
C CYS A 162 -28.57 1.91 -11.85
N ILE A 163 -28.63 3.00 -12.61
CA ILE A 163 -27.66 3.25 -13.66
C ILE A 163 -26.88 4.52 -13.36
N HIS A 164 -25.56 4.37 -13.26
CA HIS A 164 -24.69 5.46 -12.80
C HIS A 164 -24.49 6.56 -13.83
N ARG A 165 -24.21 6.17 -15.08
CA ARG A 165 -24.06 7.07 -16.23
C ARG A 165 -22.78 7.92 -16.26
N ASP A 166 -21.92 7.76 -15.26
CA ASP A 166 -20.62 8.44 -15.28
C ASP A 166 -19.60 7.68 -14.44
N LEU A 167 -19.69 6.35 -14.48
CA LEU A 167 -18.75 5.50 -13.75
C LEU A 167 -17.32 5.77 -14.18
N ALA A 168 -16.50 6.23 -13.24
CA ALA A 168 -15.10 6.55 -13.50
C ALA A 168 -14.32 6.63 -12.19
N ALA A 169 -13.00 6.68 -12.28
CA ALA A 169 -12.14 6.71 -11.10
C ALA A 169 -12.39 7.96 -10.27
N ARG A 170 -12.76 9.05 -10.95
CA ARG A 170 -13.06 10.31 -10.28
C ARG A 170 -14.31 10.21 -9.42
N ASN A 171 -15.19 9.28 -9.77
CA ASN A 171 -16.43 9.07 -9.03
C ASN A 171 -16.36 7.85 -8.11
N VAL A 172 -15.15 7.37 -7.89
CA VAL A 172 -14.91 6.30 -6.92
C VAL A 172 -14.01 6.79 -5.80
N LEU A 173 -14.54 6.81 -4.57
CA LEU A 173 -13.80 7.33 -3.43
C LEU A 173 -13.16 6.22 -2.60
N VAL A 174 -12.14 6.58 -1.83
CA VAL A 174 -11.40 5.61 -1.03
C VAL A 174 -11.41 5.97 0.45
N THR A 175 -11.84 5.04 1.30
CA THR A 175 -11.89 5.27 2.73
C THR A 175 -10.52 5.12 3.37
N GLU A 176 -10.44 5.38 4.67
CA GLU A 176 -9.20 5.27 5.43
C GLU A 176 -8.67 3.84 5.41
N ASP A 177 -9.57 2.88 5.25
CA ASP A 177 -9.20 1.48 5.22
C ASP A 177 -9.05 0.96 3.78
N ASN A 178 -8.78 1.88 2.86
CA ASN A 178 -8.56 1.57 1.45
C ASN A 178 -9.72 0.80 0.82
N VAL A 179 -10.95 1.20 1.15
CA VAL A 179 -12.14 0.56 0.60
C VAL A 179 -12.76 1.41 -0.50
N MET A 180 -12.91 0.81 -1.67
CA MET A 180 -13.51 1.51 -2.81
C MET A 180 -15.00 1.73 -2.60
N LYS A 181 -15.43 2.99 -2.63
CA LYS A 181 -16.85 3.31 -2.50
C LYS A 181 -17.32 4.19 -3.65
N ILE A 182 -18.29 3.69 -4.41
CA ILE A 182 -18.82 4.39 -5.57
C ILE A 182 -19.63 5.61 -5.17
N ALA A 183 -19.34 6.74 -5.82
CA ALA A 183 -20.01 8.00 -5.51
C ALA A 183 -21.02 8.40 -6.59
N ASP A 184 -21.86 9.37 -6.25
CA ASP A 184 -22.81 9.98 -7.19
C ASP A 184 -23.64 9.00 -8.02
N PHE A 185 -24.04 7.88 -7.42
CA PHE A 185 -24.83 6.91 -8.17
C PHE A 185 -26.27 7.34 -8.31
N GLY A 186 -26.71 8.27 -7.45
CA GLY A 186 -28.07 8.76 -7.49
C GLY A 186 -28.17 10.21 -7.93
N LEU A 187 -27.08 10.73 -8.49
CA LEU A 187 -27.02 12.13 -8.93
C LEU A 187 -28.06 12.42 -10.01
N ALA A 188 -28.89 13.42 -9.77
CA ALA A 188 -29.89 13.85 -10.74
C ALA A 188 -29.24 14.58 -11.90
N ARG A 189 -29.31 13.99 -13.09
CA ARG A 189 -28.67 14.58 -14.25
C ARG A 189 -29.53 14.49 -15.50
N ASP A 190 -29.81 15.63 -16.11
CA ASP A 190 -30.51 15.68 -17.38
C ASP A 190 -29.52 15.40 -18.51
N ILE A 191 -29.69 14.26 -19.18
CA ILE A 191 -28.75 13.83 -20.20
C ILE A 191 -29.01 14.49 -21.56
N HIS A 192 -29.95 15.43 -21.59
CA HIS A 192 -30.27 16.15 -22.82
C HIS A 192 -29.69 17.56 -22.81
N HIS A 193 -28.76 17.81 -21.88
CA HIS A 193 -28.15 19.12 -21.74
C HIS A 193 -26.62 18.99 -21.65
N ILE A 194 -26.14 17.76 -21.67
CA ILE A 194 -24.72 17.47 -21.45
C ILE A 194 -23.82 18.26 -22.40
N ASP A 195 -22.97 19.10 -21.83
CA ASP A 195 -21.96 19.80 -22.62
C ASP A 195 -20.77 18.88 -22.83
N TYR A 196 -20.67 18.32 -24.04
CA TYR A 196 -19.61 17.37 -24.37
C TYR A 196 -18.23 18.02 -24.34
N TYR A 197 -18.20 19.35 -24.44
CA TYR A 197 -16.95 20.08 -24.45
C TYR A 197 -16.55 20.51 -23.05
N LYS A 198 -17.49 20.49 -22.11
CA LYS A 198 -17.22 20.82 -20.72
C LYS A 198 -16.29 19.78 -20.10
N LYS A 199 -15.18 20.26 -19.54
CA LYS A 199 -14.19 19.38 -18.95
C LYS A 199 -14.40 19.28 -17.43
N THR A 200 -13.81 18.24 -16.83
CA THR A 200 -13.78 18.12 -15.38
C THR A 200 -12.76 19.11 -14.83
N THR A 201 -12.66 19.22 -13.51
CA THR A 201 -11.74 20.17 -12.91
C THR A 201 -10.29 19.71 -13.04
N ASN A 202 -10.10 18.46 -13.48
CA ASN A 202 -8.77 17.94 -13.73
C ASN A 202 -8.42 18.03 -15.22
N GLY A 203 -9.34 18.56 -16.00
CA GLY A 203 -9.10 18.80 -17.41
C GLY A 203 -9.31 17.60 -18.32
N ARG A 204 -10.22 16.72 -17.95
CA ARG A 204 -10.54 15.57 -18.80
C ARG A 204 -11.98 15.62 -19.32
N LEU A 205 -12.21 15.05 -20.49
CA LEU A 205 -13.52 15.05 -21.12
C LEU A 205 -14.29 13.78 -20.76
N PRO A 206 -15.41 13.93 -20.04
CA PRO A 206 -16.25 12.80 -19.59
C PRO A 206 -16.83 11.96 -20.72
N VAL A 207 -16.82 12.47 -21.94
CA VAL A 207 -17.33 11.72 -23.08
C VAL A 207 -16.45 10.52 -23.41
N LYS A 208 -15.28 10.45 -22.77
CA LYS A 208 -14.33 9.36 -23.02
C LYS A 208 -14.63 8.14 -22.15
N TRP A 209 -15.64 8.27 -21.30
CA TRP A 209 -16.08 7.15 -20.48
C TRP A 209 -17.41 6.60 -20.99
N MET A 210 -18.06 7.36 -21.87
CA MET A 210 -19.38 7.01 -22.37
C MET A 210 -19.35 5.96 -23.47
N ALA A 211 -20.21 4.95 -23.36
CA ALA A 211 -20.42 3.97 -24.41
C ALA A 211 -20.90 4.66 -25.68
N PRO A 212 -20.62 4.05 -26.85
CA PRO A 212 -21.02 4.63 -28.15
C PRO A 212 -22.52 4.89 -28.27
N GLU A 213 -23.35 3.95 -27.84
CA GLU A 213 -24.79 4.15 -27.93
C GLU A 213 -25.26 5.23 -26.96
N ALA A 214 -24.44 5.55 -25.97
CA ALA A 214 -24.75 6.62 -25.02
C ALA A 214 -24.20 7.96 -25.53
N LEU A 215 -23.12 7.89 -26.29
CA LEU A 215 -22.47 9.08 -26.82
C LEU A 215 -23.16 9.58 -28.09
N PHE A 216 -23.75 8.66 -28.84
CA PHE A 216 -24.37 9.00 -30.12
C PHE A 216 -25.89 9.02 -30.04
N ASP A 217 -26.46 7.95 -29.48
CA ASP A 217 -27.91 7.80 -29.41
C ASP A 217 -28.45 8.19 -28.03
N ARG A 218 -27.53 8.54 -27.12
CA ARG A 218 -27.88 8.93 -25.75
C ARG A 218 -28.77 7.90 -25.07
N ILE A 219 -28.38 6.63 -25.17
CA ILE A 219 -29.12 5.53 -24.57
C ILE A 219 -28.33 4.91 -23.43
N TYR A 220 -28.73 5.20 -22.19
CA TYR A 220 -28.03 4.71 -21.01
C TYR A 220 -28.65 3.43 -20.45
N THR A 221 -27.81 2.41 -20.30
CA THR A 221 -28.25 1.13 -19.76
C THR A 221 -27.21 0.59 -18.78
N HIS A 222 -27.47 -0.59 -18.24
CA HIS A 222 -26.49 -1.25 -17.38
C HIS A 222 -25.25 -1.62 -18.21
N GLN A 223 -25.47 -1.99 -19.46
CA GLN A 223 -24.39 -2.37 -20.36
C GLN A 223 -23.47 -1.20 -20.70
N SER A 224 -24.05 0.00 -20.77
CA SER A 224 -23.25 1.20 -21.02
C SER A 224 -22.39 1.54 -19.81
N ASP A 225 -22.85 1.16 -18.62
CA ASP A 225 -22.03 1.31 -17.42
C ASP A 225 -20.85 0.36 -17.46
N VAL A 226 -21.08 -0.84 -18.00
CA VAL A 226 -20.03 -1.84 -18.10
C VAL A 226 -18.95 -1.37 -19.06
N TRP A 227 -19.36 -0.63 -20.10
CA TRP A 227 -18.40 0.04 -20.97
C TRP A 227 -17.51 0.97 -20.15
N SER A 228 -18.14 1.79 -19.31
CA SER A 228 -17.42 2.73 -18.46
C SER A 228 -16.49 2.02 -17.50
N PHE A 229 -16.89 0.83 -17.05
CA PHE A 229 -16.05 0.05 -16.15
C PHE A 229 -14.77 -0.40 -16.85
N GLY A 230 -14.85 -0.57 -18.16
CA GLY A 230 -13.69 -0.91 -18.96
C GLY A 230 -12.68 0.22 -18.94
N VAL A 231 -13.18 1.44 -19.16
CA VAL A 231 -12.32 2.62 -19.11
C VAL A 231 -11.80 2.83 -17.69
N LEU A 232 -12.63 2.51 -16.70
CA LEU A 232 -12.21 2.57 -15.30
C LEU A 232 -11.11 1.54 -15.05
N LEU A 233 -11.28 0.35 -15.62
CA LEU A 233 -10.25 -0.68 -15.55
C LEU A 233 -8.94 -0.18 -16.11
N TRP A 234 -9.04 0.52 -17.24
CA TRP A 234 -7.88 1.10 -17.90
C TRP A 234 -7.22 2.15 -17.00
N GLU A 235 -8.03 2.96 -16.32
CA GLU A 235 -7.52 3.96 -15.39
C GLU A 235 -6.72 3.32 -14.26
N ILE A 236 -7.22 2.21 -13.74
CA ILE A 236 -6.59 1.52 -12.62
C ILE A 236 -5.19 1.04 -12.96
N PHE A 237 -5.07 0.28 -14.04
CA PHE A 237 -3.79 -0.34 -14.40
C PHE A 237 -2.84 0.63 -15.10
N THR A 238 -3.33 1.84 -15.39
CA THR A 238 -2.46 2.91 -15.84
C THR A 238 -2.14 3.83 -14.66
N LEU A 239 -2.49 3.36 -13.47
CA LEU A 239 -2.24 4.08 -12.22
C LEU A 239 -2.79 5.51 -12.26
N GLY A 240 -3.99 5.66 -12.80
CA GLY A 240 -4.66 6.95 -12.86
C GLY A 240 -4.41 7.70 -14.15
N GLY A 241 -4.01 6.98 -15.18
CA GLY A 241 -3.73 7.58 -16.47
C GLY A 241 -4.94 8.26 -17.09
N SER A 242 -4.69 9.20 -17.99
CA SER A 242 -5.77 9.88 -18.69
C SER A 242 -6.10 9.19 -20.00
N PRO A 243 -7.36 8.77 -20.16
CA PRO A 243 -7.81 8.08 -21.38
C PRO A 243 -7.74 8.97 -22.61
N TYR A 244 -7.11 8.49 -23.68
CA TYR A 244 -7.00 9.24 -24.93
C TYR A 244 -6.45 10.65 -24.75
N PRO A 245 -5.18 10.76 -24.33
CA PRO A 245 -4.62 12.09 -24.10
C PRO A 245 -4.45 12.89 -25.39
N GLY A 246 -4.81 14.17 -25.36
CA GLY A 246 -4.66 15.04 -26.50
C GLY A 246 -5.79 14.96 -27.50
N VAL A 247 -6.71 14.03 -27.28
CA VAL A 247 -7.82 13.81 -28.20
C VAL A 247 -9.04 14.63 -27.83
N PRO A 248 -9.48 15.52 -28.74
CA PRO A 248 -10.69 16.33 -28.55
C PRO A 248 -11.97 15.55 -28.88
N VAL A 249 -13.12 16.17 -28.59
CA VAL A 249 -14.42 15.53 -28.79
C VAL A 249 -14.64 15.08 -30.23
N GLU A 250 -14.33 15.98 -31.17
CA GLU A 250 -14.58 15.75 -32.59
C GLU A 250 -13.90 14.46 -33.08
N GLU A 251 -12.69 14.23 -32.59
CA GLU A 251 -11.87 13.11 -33.03
C GLU A 251 -12.24 11.82 -32.31
N LEU A 252 -12.78 11.95 -31.10
CA LEU A 252 -13.23 10.78 -30.34
C LEU A 252 -14.44 10.13 -31.02
N PHE A 253 -15.30 10.97 -31.59
CA PHE A 253 -16.44 10.47 -32.37
C PHE A 253 -15.94 9.59 -33.49
N LYS A 254 -14.93 10.07 -34.21
CA LYS A 254 -14.38 9.37 -35.35
C LYS A 254 -13.68 8.07 -34.94
N LEU A 255 -13.00 8.10 -33.81
CA LEU A 255 -12.31 6.92 -33.30
C LEU A 255 -13.27 5.77 -33.02
N LEU A 256 -14.40 6.09 -32.41
CA LEU A 256 -15.38 5.08 -32.05
C LEU A 256 -16.09 4.52 -33.28
N LYS A 257 -16.29 5.35 -34.31
CA LYS A 257 -16.90 4.90 -35.56
C LYS A 257 -16.01 3.83 -36.21
N GLU A 258 -14.70 4.05 -36.15
CA GLU A 258 -13.74 3.12 -36.73
C GLU A 258 -13.51 1.90 -35.86
N GLY A 259 -14.16 1.87 -34.71
CA GLY A 259 -14.05 0.76 -33.79
C GLY A 259 -12.68 0.67 -33.14
N HIS A 260 -12.08 1.84 -32.89
CA HIS A 260 -10.77 1.90 -32.27
C HIS A 260 -10.87 1.68 -30.77
N ARG A 261 -9.85 1.06 -30.19
CA ARG A 261 -9.84 0.78 -28.75
C ARG A 261 -8.52 1.24 -28.13
N MET A 262 -8.56 1.60 -26.86
CA MET A 262 -7.37 2.05 -26.15
C MET A 262 -6.33 0.94 -26.08
N ASP A 263 -5.07 1.32 -26.16
CA ASP A 263 -3.97 0.36 -26.17
C ASP A 263 -3.85 -0.33 -24.81
N LYS A 264 -3.23 -1.51 -24.81
CA LYS A 264 -3.02 -2.23 -23.57
C LYS A 264 -1.98 -1.52 -22.70
N PRO A 265 -2.34 -1.23 -21.45
CA PRO A 265 -1.40 -0.65 -20.49
C PRO A 265 -0.23 -1.58 -20.22
N SER A 266 0.96 -1.04 -20.03
CA SER A 266 2.10 -1.86 -19.64
C SER A 266 1.90 -2.31 -18.20
N ASN A 267 2.53 -3.43 -17.84
CA ASN A 267 2.36 -4.03 -16.51
C ASN A 267 0.90 -4.39 -16.25
N CYS A 268 0.25 -4.90 -17.29
CA CYS A 268 -1.14 -5.34 -17.21
C CYS A 268 -1.32 -6.62 -18.00
N THR A 269 -1.81 -7.67 -17.33
CA THR A 269 -1.93 -9.00 -17.93
C THR A 269 -2.82 -8.99 -19.16
N ASN A 270 -2.69 -10.01 -19.99
CA ASN A 270 -3.52 -10.13 -21.18
C ASN A 270 -4.96 -10.43 -20.82
N GLU A 271 -5.15 -11.21 -19.76
CA GLU A 271 -6.48 -11.56 -19.28
C GLU A 271 -7.27 -10.31 -18.90
N LEU A 272 -6.60 -9.39 -18.21
CA LEU A 272 -7.23 -8.15 -17.77
C LEU A 272 -7.50 -7.18 -18.92
N TYR A 273 -6.65 -7.22 -19.94
CA TYR A 273 -6.86 -6.41 -21.12
C TYR A 273 -8.01 -6.96 -21.96
N MET A 274 -8.10 -8.29 -22.00
CA MET A 274 -9.22 -8.96 -22.66
C MET A 274 -10.53 -8.57 -21.98
N MET A 275 -10.47 -8.41 -20.66
CA MET A 275 -11.64 -7.98 -19.89
C MET A 275 -12.07 -6.57 -20.30
N MET A 276 -11.09 -5.69 -20.49
CA MET A 276 -11.37 -4.34 -20.96
C MET A 276 -12.04 -4.39 -22.33
N ARG A 277 -11.47 -5.19 -23.22
CA ARG A 277 -11.96 -5.31 -24.59
C ARG A 277 -13.40 -5.85 -24.63
N ASP A 278 -13.69 -6.82 -23.78
CA ASP A 278 -15.04 -7.37 -23.68
C ASP A 278 -16.02 -6.31 -23.18
N CYS A 279 -15.59 -5.52 -22.20
CA CYS A 279 -16.37 -4.37 -21.73
C CYS A 279 -16.59 -3.35 -22.84
N TRP A 280 -15.66 -3.29 -23.79
CA TRP A 280 -15.75 -2.34 -24.90
C TRP A 280 -16.30 -2.99 -26.15
N HIS A 281 -17.13 -4.02 -25.98
CA HIS A 281 -17.76 -4.70 -27.11
C HIS A 281 -18.75 -3.77 -27.80
N ALA A 282 -18.61 -3.62 -29.12
CA ALA A 282 -19.45 -2.71 -29.88
C ALA A 282 -20.94 -3.02 -29.72
N VAL A 283 -21.27 -4.31 -29.64
CA VAL A 283 -22.64 -4.73 -29.39
C VAL A 283 -22.88 -4.85 -27.88
N PRO A 284 -23.79 -4.03 -27.34
CA PRO A 284 -24.08 -3.96 -25.91
C PRO A 284 -24.43 -5.31 -25.28
N SER A 285 -25.22 -6.12 -25.99
CA SER A 285 -25.65 -7.42 -25.47
C SER A 285 -24.51 -8.41 -25.26
N GLN A 286 -23.35 -8.14 -25.88
CA GLN A 286 -22.23 -9.07 -25.83
C GLN A 286 -21.22 -8.71 -24.75
N ARG A 287 -21.42 -7.57 -24.10
CA ARG A 287 -20.60 -7.17 -22.97
C ARG A 287 -20.95 -8.02 -21.74
N PRO A 288 -19.96 -8.29 -20.88
CA PRO A 288 -20.24 -9.03 -19.65
C PRO A 288 -21.10 -8.23 -18.69
N THR A 289 -21.74 -8.91 -17.74
CA THR A 289 -22.47 -8.23 -16.69
C THR A 289 -21.54 -7.99 -15.51
N PHE A 290 -21.91 -7.08 -14.63
CA PHE A 290 -21.11 -6.83 -13.42
C PHE A 290 -21.05 -8.09 -12.57
N LYS A 291 -22.11 -8.89 -12.62
CA LYS A 291 -22.15 -10.17 -11.93
C LYS A 291 -21.03 -11.09 -12.42
N GLN A 292 -20.81 -11.13 -13.73
CA GLN A 292 -19.71 -11.90 -14.31
C GLN A 292 -18.37 -11.30 -13.93
N LEU A 293 -18.26 -9.98 -14.07
CA LEU A 293 -17.02 -9.26 -13.77
C LEU A 293 -16.58 -9.48 -12.32
N VAL A 294 -17.55 -9.52 -11.41
CA VAL A 294 -17.25 -9.81 -10.01
C VAL A 294 -16.65 -11.20 -9.88
N GLU A 295 -17.29 -12.19 -10.51
CA GLU A 295 -16.82 -13.57 -10.43
C GLU A 295 -15.44 -13.76 -11.07
N ASP A 296 -15.22 -13.09 -12.19
CA ASP A 296 -13.93 -13.18 -12.88
C ASP A 296 -12.82 -12.55 -12.05
N LEU A 297 -13.05 -11.32 -11.59
CA LEU A 297 -12.08 -10.60 -10.79
C LEU A 297 -11.83 -11.31 -9.47
N ASP A 298 -12.85 -11.98 -8.95
CA ASP A 298 -12.71 -12.74 -7.70
C ASP A 298 -11.68 -13.86 -7.86
N ARG A 299 -11.77 -14.57 -8.98
CA ARG A 299 -10.84 -15.65 -9.29
C ARG A 299 -9.45 -15.12 -9.59
N ILE A 300 -9.39 -13.97 -10.27
CA ILE A 300 -8.12 -13.35 -10.62
C ILE A 300 -7.37 -12.87 -9.38
N VAL A 301 -8.10 -12.31 -8.42
CA VAL A 301 -7.51 -11.87 -7.17
C VAL A 301 -6.81 -13.03 -6.46
N ALA A 302 -7.46 -14.18 -6.44
CA ALA A 302 -6.92 -15.36 -5.78
C ALA A 302 -5.81 -16.03 -6.60
N LEU A 303 -5.51 -15.46 -7.77
CA LEU A 303 -4.45 -15.99 -8.62
C LEU A 303 -3.42 -14.91 -8.96
N THR A 304 -3.53 -13.76 -8.32
CA THR A 304 -2.60 -12.65 -8.55
C THR A 304 -1.62 -12.53 -7.41
N SER A 305 -0.32 -12.51 -7.74
CA SER A 305 0.74 -12.48 -6.74
C SER A 305 0.68 -11.24 -5.85
N ASN A 306 0.88 -11.45 -4.55
CA ASN A 306 0.96 -10.36 -3.59
C ASN A 306 2.35 -9.72 -3.59
N GLN A 307 3.26 -10.28 -4.41
CA GLN A 307 4.64 -9.81 -4.49
C GLN A 307 4.88 -9.02 -5.78
N GLU A 308 3.81 -8.39 -6.28
CA GLU A 308 3.83 -7.66 -7.55
C GLU A 308 4.23 -8.58 -8.71
N GLY B 2 1.45 20.42 20.26
CA GLY B 2 1.76 19.41 21.25
C GLY B 2 1.30 18.03 20.85
N VAL B 3 1.36 17.74 19.55
CA VAL B 3 0.93 16.45 19.02
C VAL B 3 1.75 15.30 19.61
N SER B 4 3.02 15.22 19.25
CA SER B 4 3.97 14.31 19.86
C SER B 4 5.12 15.14 20.39
N GLU B 5 4.89 16.46 20.39
CA GLU B 5 5.89 17.44 20.78
C GLU B 5 6.05 17.49 22.30
N TYR B 6 4.94 17.37 23.01
CA TYR B 6 4.94 17.40 24.47
C TYR B 6 4.52 16.06 25.07
N GLU B 7 3.78 15.27 24.30
CA GLU B 7 3.22 14.02 24.80
C GLU B 7 3.01 13.01 23.69
N LEU B 8 3.43 11.77 23.93
CA LEU B 8 3.25 10.68 22.98
C LEU B 8 2.00 9.88 23.29
N PRO B 9 1.30 9.40 22.24
CA PRO B 9 0.15 8.51 22.43
C PRO B 9 0.53 7.29 23.25
N GLU B 10 -0.37 6.87 24.14
CA GLU B 10 -0.07 5.75 25.02
C GLU B 10 -0.59 4.43 24.45
N ASP B 11 0.17 3.36 24.70
CA ASP B 11 -0.24 2.02 24.28
C ASP B 11 0.28 1.22 25.46
N PRO B 12 -0.64 0.80 26.34
CA PRO B 12 -0.32 -0.01 27.54
C PRO B 12 0.05 -1.45 27.20
N ARG B 13 -0.41 -1.93 26.04
CA ARG B 13 -0.09 -3.27 25.57
C ARG B 13 1.42 -3.49 25.51
N TRP B 14 2.13 -2.49 24.98
CA TRP B 14 3.58 -2.58 24.81
C TRP B 14 4.37 -1.83 25.88
N GLU B 15 3.69 -0.94 26.60
CA GLU B 15 4.36 -0.02 27.51
C GLU B 15 5.11 -0.73 28.63
N LEU B 16 6.29 -0.22 28.97
CA LEU B 16 7.10 -0.75 30.06
C LEU B 16 7.58 0.39 30.95
N PRO B 17 7.41 0.24 32.27
CA PRO B 17 7.89 1.24 33.24
C PRO B 17 9.39 1.51 33.09
N ARG B 18 9.80 2.74 33.32
CA ARG B 18 11.20 3.13 33.12
C ARG B 18 12.11 2.61 34.23
N ASP B 19 11.52 2.24 35.36
CA ASP B 19 12.30 1.72 36.48
C ASP B 19 12.59 0.22 36.30
N ARG B 20 12.07 -0.35 35.22
CA ARG B 20 12.32 -1.75 34.90
C ARG B 20 13.42 -1.89 33.85
N LEU B 21 13.88 -0.76 33.32
CA LEU B 21 14.85 -0.77 32.23
C LEU B 21 16.17 -0.10 32.63
N VAL B 22 17.19 -0.92 32.87
CA VAL B 22 18.52 -0.39 33.19
C VAL B 22 19.36 -0.30 31.93
N LEU B 23 19.52 0.91 31.42
CA LEU B 23 20.30 1.15 30.21
C LEU B 23 21.78 0.88 30.46
N GLY B 24 22.49 0.41 29.43
CA GLY B 24 23.90 0.12 29.55
C GLY B 24 24.72 0.59 28.35
N LYS B 25 25.73 -0.20 28.00
CA LYS B 25 26.64 0.13 26.91
C LYS B 25 25.93 0.39 25.58
N PRO B 26 26.50 1.26 24.75
CA PRO B 26 26.07 1.40 23.35
C PRO B 26 26.33 0.12 22.57
N LEU B 27 25.79 0.01 21.35
CA LEU B 27 26.00 -1.18 20.55
C LEU B 27 26.61 -0.86 19.18
N GLY B 28 27.23 0.32 19.09
CA GLY B 28 27.91 0.72 17.86
C GLY B 28 27.65 2.16 17.49
N GLU B 29 28.12 2.55 16.32
CA GLU B 29 27.94 3.92 15.82
C GLU B 29 26.45 4.28 15.73
N GLY B 30 26.10 5.47 16.20
CA GLY B 30 24.76 5.98 16.05
C GLY B 30 24.59 6.66 14.71
N CYS B 31 24.17 5.89 13.71
CA CYS B 31 23.95 6.43 12.37
C CYS B 31 22.95 7.58 12.32
N PHE B 32 21.69 7.26 12.59
CA PHE B 32 20.64 8.26 12.78
C PHE B 32 20.04 7.33 13.84
N GLY B 33 20.34 7.62 15.10
CA GLY B 33 19.65 7.08 16.26
C GLY B 33 20.62 6.29 17.12
N GLN B 34 20.42 6.32 18.43
CA GLN B 34 21.31 5.63 19.35
C GLN B 34 20.74 4.28 19.78
N VAL B 35 21.53 3.24 19.59
CA VAL B 35 21.16 1.91 20.04
C VAL B 35 22.06 1.49 21.20
N VAL B 36 21.46 1.17 22.34
CA VAL B 36 22.22 0.76 23.51
C VAL B 36 21.79 -0.60 24.03
N LEU B 37 22.75 -1.32 24.63
CA LEU B 37 22.45 -2.54 25.35
C LEU B 37 21.76 -2.18 26.66
N ALA B 38 20.79 -2.98 27.06
CA ALA B 38 20.03 -2.68 28.27
C ALA B 38 19.47 -3.94 28.91
N GLU B 39 19.25 -3.90 30.22
CA GLU B 39 18.66 -5.00 30.94
C GLU B 39 17.20 -4.70 31.27
N ALA B 40 16.30 -5.44 30.62
CA ALA B 40 14.87 -5.26 30.83
C ALA B 40 14.35 -6.24 31.88
N ILE B 41 13.66 -5.71 32.89
CA ILE B 41 13.15 -6.53 33.98
C ILE B 41 11.71 -6.99 33.74
N GLY B 42 11.54 -8.31 33.64
CA GLY B 42 10.23 -8.92 33.51
C GLY B 42 9.28 -8.51 32.41
N LEU B 43 9.73 -8.63 31.16
CA LEU B 43 9.00 -8.11 30.01
C LEU B 43 7.64 -8.77 29.86
N ASP B 44 7.51 -10.01 30.35
CA ASP B 44 6.23 -10.70 30.29
C ASP B 44 5.81 -11.20 31.70
N LYS B 45 4.50 -11.43 31.84
CA LYS B 45 3.83 -11.51 33.14
C LYS B 45 4.21 -12.67 34.06
N ASP B 46 4.79 -13.73 33.49
CA ASP B 46 5.28 -14.83 34.32
C ASP B 46 6.51 -14.39 35.15
N LYS B 47 7.42 -13.66 34.52
CA LYS B 47 8.62 -13.21 35.19
C LYS B 47 8.36 -11.92 35.97
N PRO B 48 8.48 -11.98 37.32
CA PRO B 48 8.43 -10.74 38.07
C PRO B 48 9.72 -9.95 37.84
N ASN B 49 10.82 -10.52 38.31
CA ASN B 49 12.15 -10.01 37.98
C ASN B 49 12.58 -11.22 37.18
N ARG B 50 12.31 -11.20 35.89
CA ARG B 50 13.00 -11.96 34.85
C ARG B 50 13.89 -11.01 34.06
N VAL B 51 15.11 -10.82 34.54
CA VAL B 51 16.08 -9.96 33.90
C VAL B 51 16.34 -10.42 32.47
N THR B 52 15.99 -9.59 31.51
CA THR B 52 16.18 -9.90 30.09
C THR B 52 17.09 -8.89 29.42
N LYS B 53 18.14 -9.38 28.75
CA LYS B 53 19.02 -8.49 28.01
C LYS B 53 18.39 -8.12 26.68
N VAL B 54 18.29 -6.82 26.43
CA VAL B 54 17.62 -6.32 25.23
C VAL B 54 18.43 -5.19 24.57
N ALA B 55 18.04 -4.84 23.35
CA ALA B 55 18.60 -3.69 22.67
C ALA B 55 17.58 -2.55 22.66
N VAL B 56 18.03 -1.34 22.95
CA VAL B 56 17.12 -0.20 23.01
C VAL B 56 17.52 0.88 22.02
N LYS B 57 16.58 1.23 21.15
CA LYS B 57 16.80 2.33 20.21
C LYS B 57 16.13 3.60 20.70
N MET B 58 16.83 4.73 20.56
CA MET B 58 16.31 6.02 20.97
C MET B 58 16.85 7.12 20.07
N LEU B 59 16.20 8.28 20.09
CA LEU B 59 16.69 9.44 19.35
C LEU B 59 18.02 9.92 19.91
N LYS B 60 18.83 10.53 19.07
CA LYS B 60 20.05 11.19 19.54
C LYS B 60 19.67 12.58 20.06
N SER B 61 20.59 13.22 20.77
CA SER B 61 20.32 14.53 21.36
C SER B 61 19.94 15.57 20.32
N ASP B 62 20.55 15.48 19.13
CA ASP B 62 20.35 16.47 18.08
C ASP B 62 19.14 16.16 17.19
N ALA B 63 18.32 15.21 17.61
CA ALA B 63 17.19 14.76 16.79
C ALA B 63 16.10 15.83 16.67
N THR B 64 15.41 15.81 15.53
CA THR B 64 14.32 16.75 15.27
C THR B 64 12.97 16.04 15.35
N GLU B 65 11.90 16.81 15.15
CA GLU B 65 10.55 16.25 15.18
C GLU B 65 10.37 15.15 14.14
N LYS B 66 11.00 15.31 12.98
CA LYS B 66 10.92 14.34 11.91
C LYS B 66 11.57 13.03 12.32
N ASP B 67 12.70 13.13 13.02
CA ASP B 67 13.41 11.95 13.53
C ASP B 67 12.54 11.17 14.50
N LEU B 68 11.83 11.88 15.36
CA LEU B 68 10.90 11.25 16.29
C LEU B 68 9.77 10.57 15.53
N SER B 69 9.19 11.30 14.58
CA SER B 69 8.11 10.78 13.74
C SER B 69 8.55 9.52 12.99
N ASP B 70 9.81 9.51 12.57
CA ASP B 70 10.36 8.34 11.89
C ASP B 70 10.47 7.13 12.83
N LEU B 71 10.90 7.39 14.06
CA LEU B 71 11.09 6.32 15.03
C LEU B 71 9.76 5.71 15.44
N ILE B 72 8.74 6.55 15.59
CA ILE B 72 7.41 6.08 15.94
C ILE B 72 6.84 5.22 14.82
N SER B 73 7.07 5.65 13.57
CA SER B 73 6.66 4.89 12.40
C SER B 73 7.25 3.49 12.42
N GLU B 74 8.55 3.41 12.73
CA GLU B 74 9.25 2.14 12.83
C GLU B 74 8.64 1.27 13.93
N MET B 75 8.31 1.87 15.06
CA MET B 75 7.72 1.14 16.18
C MET B 75 6.33 0.63 15.84
N GLU B 76 5.50 1.48 15.24
CA GLU B 76 4.14 1.10 14.87
C GLU B 76 4.16 0.03 13.79
N MET B 77 5.10 0.15 12.85
CA MET B 77 5.26 -0.82 11.78
C MET B 77 5.50 -2.22 12.34
N MET B 78 6.42 -2.33 13.29
CA MET B 78 6.77 -3.61 13.89
C MET B 78 5.60 -4.22 14.64
N LYS B 79 4.72 -3.37 15.16
CA LYS B 79 3.50 -3.85 15.80
C LYS B 79 2.59 -4.52 14.78
N MET B 80 2.45 -3.87 13.63
CA MET B 80 1.60 -4.39 12.55
C MET B 80 2.14 -5.69 11.97
N ILE B 81 3.46 -5.77 11.84
CA ILE B 81 4.11 -6.90 11.18
C ILE B 81 4.03 -8.18 12.00
N GLY B 82 4.26 -8.08 13.30
CA GLY B 82 4.11 -9.22 14.19
C GLY B 82 5.43 -9.90 14.52
N LYS B 83 5.33 -11.03 15.22
CA LYS B 83 6.51 -11.74 15.69
C LYS B 83 6.95 -12.87 14.76
N HIS B 84 8.26 -13.10 14.71
CA HIS B 84 8.86 -14.20 13.97
C HIS B 84 10.30 -14.37 14.44
N LYS B 85 10.75 -15.63 14.55
CA LYS B 85 12.07 -15.89 15.14
C LYS B 85 13.22 -15.43 14.24
N ASN B 86 12.97 -15.33 12.94
CA ASN B 86 14.02 -14.93 12.00
C ASN B 86 14.04 -13.44 11.72
N ILE B 87 13.33 -12.67 12.55
CA ILE B 87 13.41 -11.21 12.52
C ILE B 87 13.66 -10.70 13.93
N ILE B 88 14.18 -9.48 14.05
CA ILE B 88 14.34 -8.84 15.34
C ILE B 88 12.99 -8.31 15.82
N ASN B 89 12.48 -8.89 16.91
CA ASN B 89 11.12 -8.61 17.35
C ASN B 89 11.00 -7.50 18.39
N LEU B 90 9.91 -6.75 18.30
CA LEU B 90 9.59 -5.73 19.29
C LEU B 90 9.21 -6.39 20.61
N LEU B 91 9.73 -5.87 21.72
CA LEU B 91 9.48 -6.44 23.02
C LEU B 91 8.73 -5.48 23.95
N GLY B 92 8.79 -4.19 23.62
CA GLY B 92 8.16 -3.18 24.46
C GLY B 92 8.62 -1.78 24.10
N ALA B 93 8.07 -0.79 24.80
CA ALA B 93 8.39 0.60 24.50
C ALA B 93 8.16 1.53 25.69
N CYS B 94 9.07 2.46 25.91
CA CYS B 94 8.89 3.53 26.87
C CYS B 94 8.52 4.80 26.11
N THR B 95 7.23 5.15 26.12
CA THR B 95 6.75 6.28 25.34
C THR B 95 6.35 7.46 26.22
N GLN B 96 6.09 7.18 27.49
CA GLN B 96 5.52 8.18 28.39
C GLN B 96 6.55 8.81 29.32
N ASP B 97 6.45 10.12 29.49
CA ASP B 97 7.23 10.86 30.48
C ASP B 97 8.74 10.69 30.29
N GLY B 98 9.24 11.13 29.14
CA GLY B 98 10.66 11.05 28.85
C GLY B 98 10.94 10.64 27.42
N PRO B 99 12.22 10.42 27.09
CA PRO B 99 12.63 10.05 25.74
C PRO B 99 12.00 8.74 25.28
N LEU B 100 11.76 8.61 23.99
CA LEU B 100 11.16 7.40 23.43
C LEU B 100 12.17 6.26 23.37
N TYR B 101 11.83 5.14 24.00
CA TYR B 101 12.65 3.93 23.95
C TYR B 101 11.92 2.83 23.19
N VAL B 102 12.52 2.33 22.12
CA VAL B 102 11.98 1.18 21.40
C VAL B 102 12.79 -0.07 21.73
N ILE B 103 12.18 -0.99 22.46
CA ILE B 103 12.89 -2.15 22.99
C ILE B 103 12.75 -3.36 22.09
N VAL B 104 13.88 -3.92 21.67
CA VAL B 104 13.89 -5.06 20.76
C VAL B 104 14.81 -6.17 21.26
N GLU B 105 14.72 -7.34 20.61
CA GLU B 105 15.54 -8.49 20.96
C GLU B 105 17.03 -8.20 20.76
N TYR B 106 17.85 -8.75 21.65
CA TYR B 106 19.29 -8.54 21.60
C TYR B 106 20.03 -9.69 20.93
N ALA B 107 20.87 -9.36 19.95
CA ALA B 107 21.69 -10.36 19.26
C ALA B 107 23.16 -10.21 19.68
N SER B 108 23.65 -11.17 20.45
CA SER B 108 24.97 -11.04 21.10
C SER B 108 26.16 -11.33 20.19
N LYS B 109 25.91 -11.84 18.99
CA LYS B 109 27.01 -12.24 18.12
C LYS B 109 27.12 -11.39 16.85
N GLY B 110 26.83 -10.10 16.98
CA GLY B 110 27.01 -9.15 15.89
C GLY B 110 26.17 -9.44 14.66
N ASN B 111 26.51 -8.78 13.55
CA ASN B 111 25.81 -9.01 12.29
C ASN B 111 26.44 -10.17 11.53
N LEU B 112 25.75 -10.61 10.49
CA LEU B 112 26.14 -11.80 9.73
C LEU B 112 27.51 -11.68 9.08
N ARG B 113 27.84 -10.49 8.58
CA ARG B 113 29.09 -10.28 7.87
C ARG B 113 30.29 -10.50 8.77
N GLU B 114 30.27 -9.90 9.96
CA GLU B 114 31.37 -10.05 10.90
C GLU B 114 31.29 -11.39 11.61
N TYR B 115 30.10 -12.00 11.58
CA TYR B 115 29.91 -13.34 12.13
C TYR B 115 30.61 -14.38 11.27
N LEU B 116 30.48 -14.23 9.95
CA LEU B 116 31.08 -15.16 9.00
C LEU B 116 32.58 -15.00 8.91
N GLN B 117 33.06 -13.76 9.01
CA GLN B 117 34.49 -13.48 8.92
C GLN B 117 35.25 -14.03 10.12
N ALA B 118 34.66 -13.93 11.30
CA ALA B 118 35.31 -14.41 12.53
C ALA B 118 35.33 -15.94 12.59
N ARG B 119 34.71 -16.58 11.61
CA ARG B 119 34.69 -18.04 11.55
C ARG B 119 35.30 -18.54 10.24
N ARG B 120 36.20 -17.74 9.69
CA ARG B 120 36.97 -18.14 8.52
C ARG B 120 38.17 -18.98 8.90
N PRO B 121 38.36 -20.12 8.23
CA PRO B 121 39.59 -20.90 8.40
C PRO B 121 40.79 -20.21 7.73
N PRO B 122 41.96 -20.23 8.38
CA PRO B 122 43.16 -19.65 7.81
C PRO B 122 44.02 -20.67 7.06
N GLU B 135 34.96 -18.76 17.48
CA GLU B 135 35.64 -18.70 16.18
C GLU B 135 35.69 -20.06 15.50
N GLU B 136 34.90 -21.01 16.01
CA GLU B 136 34.85 -22.33 15.40
C GLU B 136 34.09 -22.27 14.08
N GLN B 137 34.63 -22.96 13.06
CA GLN B 137 34.15 -22.84 11.70
C GLN B 137 32.77 -23.47 11.47
N LEU B 138 32.17 -23.14 10.34
CA LEU B 138 30.84 -23.62 9.99
C LEU B 138 30.92 -24.70 8.91
N SER B 139 30.04 -25.70 9.01
CA SER B 139 29.93 -26.71 7.98
C SER B 139 29.22 -26.11 6.77
N SER B 140 29.19 -26.86 5.66
CA SER B 140 28.46 -26.42 4.48
C SER B 140 26.98 -26.33 4.79
N LYS B 141 26.49 -27.24 5.62
CA LYS B 141 25.09 -27.24 6.03
C LYS B 141 24.77 -25.98 6.83
N ASP B 142 25.72 -25.54 7.65
CA ASP B 142 25.50 -24.38 8.52
C ASP B 142 25.35 -23.12 7.68
N LEU B 143 26.12 -23.05 6.61
CA LEU B 143 26.02 -21.94 5.67
C LEU B 143 24.67 -21.95 4.96
N VAL B 144 24.24 -23.14 4.54
CA VAL B 144 22.93 -23.29 3.90
C VAL B 144 21.82 -23.10 4.92
N SER B 145 22.08 -23.53 6.16
CA SER B 145 21.14 -23.28 7.26
C SER B 145 20.97 -21.78 7.49
N CYS B 146 22.08 -21.05 7.44
CA CYS B 146 22.05 -19.60 7.56
C CYS B 146 21.19 -18.96 6.47
N ALA B 147 21.43 -19.38 5.23
CA ALA B 147 20.69 -18.85 4.09
C ALA B 147 19.20 -19.18 4.18
N TYR B 148 18.89 -20.33 4.79
CA TYR B 148 17.51 -20.75 4.96
C TYR B 148 16.75 -19.84 5.92
N GLN B 149 17.36 -19.58 7.08
CA GLN B 149 16.74 -18.75 8.11
C GLN B 149 16.50 -17.32 7.62
N VAL B 150 17.46 -16.79 6.86
CA VAL B 150 17.32 -15.44 6.30
C VAL B 150 16.13 -15.40 5.34
N ALA B 151 15.96 -16.47 4.57
CA ALA B 151 14.88 -16.55 3.61
C ALA B 151 13.52 -16.69 4.30
N ARG B 152 13.48 -17.44 5.40
CA ARG B 152 12.25 -17.60 6.17
C ARG B 152 11.75 -16.26 6.70
N GLY B 153 12.66 -15.50 7.31
CA GLY B 153 12.32 -14.20 7.87
C GLY B 153 11.83 -13.24 6.81
N MET B 154 12.43 -13.31 5.63
CA MET B 154 12.02 -12.46 4.52
C MET B 154 10.66 -12.89 4.00
N GLU B 155 10.40 -14.20 4.04
CA GLU B 155 9.11 -14.74 3.62
C GLU B 155 8.00 -14.18 4.49
N TYR B 156 8.22 -14.21 5.80
CA TYR B 156 7.26 -13.67 6.75
C TYR B 156 7.07 -12.17 6.55
N LEU B 157 8.17 -11.46 6.34
CA LEU B 157 8.11 -10.02 6.09
C LEU B 157 7.41 -9.71 4.78
N ALA B 158 7.59 -10.59 3.79
CA ALA B 158 6.94 -10.40 2.50
C ALA B 158 5.44 -10.67 2.62
N SER B 159 5.08 -11.59 3.50
CA SER B 159 3.68 -11.91 3.75
C SER B 159 3.03 -10.84 4.61
N LYS B 160 3.84 -9.91 5.10
CA LYS B 160 3.35 -8.77 5.87
C LYS B 160 3.58 -7.49 5.08
N LYS B 161 3.50 -7.60 3.75
CA LYS B 161 3.70 -6.51 2.78
C LYS B 161 4.87 -5.57 3.13
N CYS B 162 5.93 -6.11 3.72
CA CYS B 162 7.09 -5.32 4.13
C CYS B 162 8.25 -5.42 3.14
N ILE B 163 8.79 -4.27 2.74
CA ILE B 163 9.92 -4.23 1.82
C ILE B 163 11.15 -3.63 2.51
N HIS B 164 12.21 -4.44 2.61
CA HIS B 164 13.38 -4.07 3.39
C HIS B 164 14.19 -2.95 2.75
N ARG B 165 14.40 -3.07 1.43
CA ARG B 165 15.13 -2.08 0.62
C ARG B 165 16.63 -2.00 0.93
N ASP B 166 17.11 -2.82 1.85
CA ASP B 166 18.55 -2.88 2.15
C ASP B 166 18.93 -4.22 2.78
N LEU B 167 18.39 -5.31 2.23
CA LEU B 167 18.71 -6.64 2.70
C LEU B 167 20.17 -6.98 2.42
N ALA B 168 20.97 -7.06 3.49
CA ALA B 168 22.38 -7.40 3.37
C ALA B 168 22.85 -8.08 4.65
N ALA B 169 24.01 -8.73 4.61
CA ALA B 169 24.52 -9.45 5.77
C ALA B 169 24.73 -8.51 6.95
N ARG B 170 25.03 -7.25 6.65
CA ARG B 170 25.21 -6.25 7.69
C ARG B 170 23.89 -6.01 8.45
N ASN B 171 22.77 -6.21 7.75
CA ASN B 171 21.47 -5.98 8.35
C ASN B 171 20.81 -7.26 8.84
N VAL B 172 21.62 -8.31 8.97
CA VAL B 172 21.16 -9.56 9.57
C VAL B 172 22.00 -9.84 10.82
N LEU B 173 21.33 -9.95 11.96
CA LEU B 173 22.03 -10.16 13.22
C LEU B 173 21.96 -11.61 13.66
N VAL B 174 22.86 -12.00 14.56
CA VAL B 174 22.95 -13.37 15.04
C VAL B 174 22.88 -13.44 16.57
N THR B 175 21.95 -14.26 17.08
CA THR B 175 21.76 -14.38 18.52
C THR B 175 22.78 -15.30 19.17
N GLU B 176 22.67 -15.46 20.49
CA GLU B 176 23.55 -16.33 21.24
C GLU B 176 23.40 -17.79 20.79
N ASP B 177 22.18 -18.17 20.46
CA ASP B 177 21.89 -19.52 19.99
C ASP B 177 22.00 -19.62 18.47
N ASN B 178 22.80 -18.73 17.88
CA ASN B 178 23.08 -18.74 16.45
C ASN B 178 21.82 -18.72 15.58
N VAL B 179 20.84 -17.93 15.98
CA VAL B 179 19.61 -17.78 15.21
C VAL B 179 19.64 -16.49 14.40
N MET B 180 19.56 -16.62 13.08
CA MET B 180 19.58 -15.47 12.18
C MET B 180 18.36 -14.59 12.39
N LYS B 181 18.55 -13.29 12.45
CA LYS B 181 17.45 -12.35 12.62
C LYS B 181 17.63 -11.10 11.75
N ILE B 182 16.61 -10.80 10.94
CA ILE B 182 16.65 -9.64 10.06
C ILE B 182 16.39 -8.36 10.84
N ALA B 183 17.21 -7.35 10.57
CA ALA B 183 17.11 -6.07 11.27
C ALA B 183 16.70 -4.95 10.32
N ASP B 184 16.18 -3.86 10.89
CA ASP B 184 15.85 -2.64 10.17
C ASP B 184 14.83 -2.83 9.04
N PHE B 185 13.88 -3.74 9.23
CA PHE B 185 12.86 -3.95 8.20
C PHE B 185 11.79 -2.86 8.25
N GLY B 186 11.76 -2.11 9.36
CA GLY B 186 10.79 -1.05 9.54
C GLY B 186 11.38 0.35 9.47
N LEU B 187 12.61 0.47 8.98
CA LEU B 187 13.26 1.77 8.86
C LEU B 187 12.55 2.70 7.88
N ALA B 188 12.77 4.00 8.02
CA ALA B 188 12.12 5.00 7.19
C ALA B 188 12.80 5.13 5.82
N ARG B 189 14.06 5.55 5.84
CA ARG B 189 14.86 5.75 4.62
C ARG B 189 14.15 6.66 3.61
N ILE B 194 18.27 9.92 -1.70
CA ILE B 194 19.15 8.75 -1.70
C ILE B 194 20.57 9.16 -2.13
N ASP B 195 21.57 8.48 -1.57
CA ASP B 195 22.97 8.78 -1.89
C ASP B 195 23.72 7.50 -2.27
N TYR B 196 24.21 7.47 -3.51
CA TYR B 196 24.86 6.27 -4.02
C TYR B 196 26.34 6.21 -3.66
N TYR B 197 26.90 7.35 -3.25
CA TYR B 197 28.31 7.45 -2.90
C TYR B 197 28.53 7.32 -1.40
N LYS B 198 27.44 7.11 -0.66
CA LYS B 198 27.52 6.99 0.79
C LYS B 198 28.04 5.61 1.21
N LYS B 199 29.26 5.58 1.73
CA LYS B 199 29.87 4.34 2.19
C LYS B 199 29.25 3.87 3.51
N THR B 200 29.47 2.61 3.86
CA THR B 200 29.04 2.07 5.14
C THR B 200 30.15 2.21 6.17
N THR B 201 29.86 1.81 7.40
CA THR B 201 30.84 1.89 8.49
C THR B 201 32.05 1.02 8.21
N ASN B 202 31.82 -0.09 7.52
CA ASN B 202 32.90 -0.98 7.11
C ASN B 202 33.65 -0.40 5.93
N GLY B 203 32.92 0.21 4.99
CA GLY B 203 33.51 0.88 3.86
C GLY B 203 33.03 0.40 2.51
N ARG B 204 31.86 -0.21 2.47
CA ARG B 204 31.31 -0.73 1.24
C ARG B 204 30.16 0.13 0.72
N LEU B 205 29.83 -0.04 -0.56
CA LEU B 205 28.75 0.72 -1.19
C LEU B 205 27.47 -0.08 -1.23
N PRO B 206 26.42 0.38 -0.51
CA PRO B 206 25.12 -0.28 -0.44
C PRO B 206 24.47 -0.49 -1.80
N VAL B 207 24.88 0.30 -2.78
CA VAL B 207 24.34 0.21 -4.13
C VAL B 207 24.60 -1.14 -4.77
N LYS B 208 25.62 -1.85 -4.27
CA LYS B 208 26.00 -3.14 -4.83
C LYS B 208 25.05 -4.26 -4.42
N TRP B 209 24.12 -3.94 -3.52
CA TRP B 209 23.07 -4.87 -3.14
C TRP B 209 21.76 -4.53 -3.83
N MET B 210 21.69 -3.34 -4.42
CA MET B 210 20.47 -2.85 -5.03
C MET B 210 20.17 -3.49 -6.38
N ALA B 211 18.91 -3.87 -6.56
CA ALA B 211 18.43 -4.39 -7.84
C ALA B 211 18.53 -3.31 -8.92
N PRO B 212 18.62 -3.73 -10.19
CA PRO B 212 18.68 -2.78 -11.31
C PRO B 212 17.50 -1.82 -11.33
N GLU B 213 16.29 -2.34 -11.20
CA GLU B 213 15.09 -1.49 -11.26
C GLU B 213 15.01 -0.53 -10.08
N ALA B 214 15.53 -0.94 -8.93
CA ALA B 214 15.52 -0.09 -7.74
C ALA B 214 16.66 0.92 -7.80
N LEU B 215 17.68 0.58 -8.57
CA LEU B 215 18.86 1.44 -8.70
C LEU B 215 18.71 2.43 -9.86
N PHE B 216 18.02 1.99 -10.90
CA PHE B 216 17.79 2.84 -12.08
C PHE B 216 16.43 3.52 -12.02
N ASP B 217 15.37 2.72 -11.87
CA ASP B 217 14.00 3.21 -11.94
C ASP B 217 13.37 3.47 -10.58
N ARG B 218 14.14 3.24 -9.52
CA ARG B 218 13.68 3.43 -8.14
C ARG B 218 12.41 2.62 -7.84
N ILE B 219 12.30 1.43 -8.42
CA ILE B 219 11.16 0.56 -8.18
C ILE B 219 11.50 -0.51 -7.14
N TYR B 220 11.18 -0.22 -5.89
CA TYR B 220 11.44 -1.15 -4.80
C TYR B 220 10.28 -2.12 -4.60
N THR B 221 10.44 -3.34 -5.10
CA THR B 221 9.44 -4.39 -4.91
C THR B 221 9.98 -5.49 -4.02
N HIS B 222 9.15 -6.50 -3.75
CA HIS B 222 9.60 -7.67 -3.01
C HIS B 222 10.60 -8.46 -3.83
N GLN B 223 10.56 -8.28 -5.14
CA GLN B 223 11.47 -8.96 -6.05
C GLN B 223 12.81 -8.25 -6.13
N SER B 224 12.83 -6.98 -5.73
CA SER B 224 14.09 -6.26 -5.64
C SER B 224 14.84 -6.69 -4.39
N ASP B 225 14.09 -7.11 -3.36
CA ASP B 225 14.69 -7.68 -2.17
C ASP B 225 15.27 -9.06 -2.48
N VAL B 226 14.63 -9.76 -3.41
CA VAL B 226 15.13 -11.05 -3.86
C VAL B 226 16.51 -10.89 -4.49
N TRP B 227 16.68 -9.84 -5.28
CA TRP B 227 17.97 -9.51 -5.87
C TRP B 227 19.01 -9.31 -4.77
N SER B 228 18.65 -8.52 -3.77
CA SER B 228 19.53 -8.26 -2.64
C SER B 228 19.87 -9.54 -1.90
N PHE B 229 18.90 -10.45 -1.84
CA PHE B 229 19.12 -11.75 -1.21
C PHE B 229 20.17 -12.55 -1.98
N GLY B 230 20.19 -12.37 -3.29
CA GLY B 230 21.18 -13.02 -4.13
C GLY B 230 22.58 -12.59 -3.75
N VAL B 231 22.75 -11.30 -3.51
CA VAL B 231 24.04 -10.76 -3.09
C VAL B 231 24.37 -11.23 -1.68
N LEU B 232 23.34 -11.37 -0.84
CA LEU B 232 23.52 -11.87 0.52
C LEU B 232 23.91 -13.34 0.49
N LEU B 233 23.36 -14.08 -0.47
CA LEU B 233 23.76 -15.46 -0.70
C LEU B 233 25.23 -15.53 -1.05
N TRP B 234 25.67 -14.60 -1.90
CA TRP B 234 27.06 -14.50 -2.29
C TRP B 234 27.94 -14.15 -1.08
N GLU B 235 27.40 -13.31 -0.19
CA GLU B 235 28.10 -12.93 1.03
C GLU B 235 28.34 -14.12 1.95
N ILE B 236 27.37 -15.04 1.97
CA ILE B 236 27.44 -16.18 2.87
C ILE B 236 28.51 -17.19 2.44
N PHE B 237 28.55 -17.50 1.14
CA PHE B 237 29.47 -18.51 0.64
C PHE B 237 30.81 -17.90 0.24
N THR B 238 31.04 -16.65 0.62
CA THR B 238 32.37 -16.05 0.59
C THR B 238 32.80 -15.73 2.01
N LEU B 239 31.98 -16.18 2.97
CA LEU B 239 32.23 -16.00 4.40
C LEU B 239 32.49 -14.54 4.78
N GLY B 240 31.69 -13.64 4.21
CA GLY B 240 31.79 -12.23 4.54
C GLY B 240 32.56 -11.43 3.50
N GLY B 241 32.66 -11.98 2.30
CA GLY B 241 33.38 -11.32 1.23
C GLY B 241 32.74 -10.00 0.81
N SER B 242 33.52 -9.15 0.16
CA SER B 242 33.03 -7.85 -0.29
C SER B 242 32.70 -7.90 -1.78
N PRO B 243 31.46 -7.53 -2.14
CA PRO B 243 31.00 -7.55 -3.53
C PRO B 243 31.66 -6.49 -4.39
N TYR B 244 32.09 -6.87 -5.60
CA TYR B 244 32.74 -5.96 -6.53
C TYR B 244 33.85 -5.06 -5.99
N PRO B 245 34.89 -5.66 -5.40
CA PRO B 245 35.93 -4.85 -4.76
C PRO B 245 36.65 -3.96 -5.78
N GLY B 246 36.74 -2.67 -5.47
CA GLY B 246 37.44 -1.72 -6.33
C GLY B 246 36.55 -1.05 -7.36
N VAL B 247 35.29 -1.48 -7.44
CA VAL B 247 34.37 -0.93 -8.42
C VAL B 247 33.56 0.25 -7.87
N PRO B 248 33.77 1.44 -8.45
CA PRO B 248 33.02 2.65 -8.08
C PRO B 248 31.57 2.58 -8.55
N VAL B 249 30.76 3.54 -8.12
CA VAL B 249 29.34 3.54 -8.42
C VAL B 249 29.06 3.64 -9.92
N GLU B 250 29.84 4.46 -10.62
CA GLU B 250 29.63 4.66 -12.05
C GLU B 250 29.88 3.37 -12.84
N GLU B 251 30.95 2.68 -12.47
CA GLU B 251 31.32 1.44 -13.15
C GLU B 251 30.34 0.32 -12.85
N LEU B 252 29.70 0.37 -11.68
CA LEU B 252 28.73 -0.64 -11.29
C LEU B 252 27.48 -0.57 -12.16
N PHE B 253 27.02 0.66 -12.42
CA PHE B 253 25.89 0.89 -13.32
C PHE B 253 26.16 0.22 -14.66
N LYS B 254 27.37 0.43 -15.15
CA LYS B 254 27.82 -0.16 -16.41
C LYS B 254 27.68 -1.69 -16.35
N LEU B 255 28.43 -2.32 -15.45
CA LEU B 255 28.41 -3.78 -15.29
C LEU B 255 27.01 -4.36 -15.23
N LEU B 256 26.11 -3.67 -14.53
CA LEU B 256 24.74 -4.14 -14.40
C LEU B 256 23.98 -4.00 -15.72
N LYS B 257 24.34 -2.99 -16.51
CA LYS B 257 23.67 -2.75 -17.79
C LYS B 257 24.22 -3.65 -18.90
N GLU B 258 25.47 -4.09 -18.76
CA GLU B 258 26.03 -5.05 -19.70
C GLU B 258 25.67 -6.47 -19.28
N GLY B 259 24.88 -6.59 -18.22
CA GLY B 259 24.38 -7.86 -17.75
C GLY B 259 25.40 -8.68 -16.98
N HIS B 260 26.53 -8.07 -16.63
CA HIS B 260 27.58 -8.77 -15.90
C HIS B 260 27.12 -9.15 -14.50
N ARG B 261 27.47 -10.37 -14.07
CA ARG B 261 27.12 -10.85 -12.75
C ARG B 261 28.37 -11.26 -11.98
N MET B 262 28.24 -11.39 -10.67
CA MET B 262 29.37 -11.75 -9.83
C MET B 262 29.82 -13.19 -10.08
N ASP B 263 31.13 -13.42 -9.97
CA ASP B 263 31.72 -14.73 -10.20
C ASP B 263 31.22 -15.76 -9.19
N LYS B 264 31.20 -17.02 -9.60
CA LYS B 264 30.86 -18.11 -8.71
C LYS B 264 31.93 -18.29 -7.66
N PRO B 265 31.56 -18.14 -6.37
CA PRO B 265 32.51 -18.27 -5.26
C PRO B 265 33.11 -19.66 -5.19
N SER B 266 34.35 -19.75 -4.69
CA SER B 266 34.97 -21.04 -4.43
C SER B 266 34.22 -21.73 -3.29
N ASN B 267 34.19 -23.06 -3.31
CA ASN B 267 33.42 -23.86 -2.36
C ASN B 267 31.95 -23.44 -2.33
N CYS B 268 31.28 -23.64 -3.46
CA CYS B 268 29.87 -23.33 -3.62
C CYS B 268 29.31 -24.12 -4.80
N THR B 269 28.24 -24.88 -4.55
CA THR B 269 27.66 -25.72 -5.58
C THR B 269 27.08 -24.89 -6.72
N ASN B 270 26.93 -25.51 -7.88
CA ASN B 270 26.31 -24.84 -9.02
C ASN B 270 24.84 -24.57 -8.75
N GLU B 271 24.23 -25.42 -7.93
CA GLU B 271 22.83 -25.26 -7.57
C GLU B 271 22.63 -23.97 -6.76
N LEU B 272 23.56 -23.71 -5.85
CA LEU B 272 23.49 -22.52 -4.99
C LEU B 272 23.88 -21.25 -5.76
N TYR B 273 24.83 -21.37 -6.68
CA TYR B 273 25.25 -20.22 -7.46
C TYR B 273 24.20 -19.87 -8.52
N MET B 274 23.47 -20.87 -9.00
CA MET B 274 22.42 -20.62 -9.99
C MET B 274 21.22 -19.98 -9.29
N MET B 275 21.05 -20.29 -8.01
CA MET B 275 20.04 -19.63 -7.20
C MET B 275 20.33 -18.13 -7.12
N MET B 276 21.61 -17.79 -7.08
CA MET B 276 22.04 -16.40 -7.11
C MET B 276 21.71 -15.78 -8.46
N ARG B 277 21.99 -16.50 -9.54
CA ARG B 277 21.73 -16.03 -10.90
C ARG B 277 20.24 -15.81 -11.12
N ASP B 278 19.43 -16.72 -10.58
CA ASP B 278 17.98 -16.59 -10.64
C ASP B 278 17.53 -15.34 -9.90
N CYS B 279 18.11 -15.11 -8.73
CA CYS B 279 17.83 -13.90 -7.96
C CYS B 279 18.35 -12.66 -8.69
N TRP B 280 19.30 -12.87 -9.58
CA TRP B 280 19.90 -11.78 -10.34
C TRP B 280 19.35 -11.70 -11.76
N HIS B 281 18.14 -12.23 -11.96
CA HIS B 281 17.49 -12.17 -13.27
C HIS B 281 17.11 -10.72 -13.58
N ALA B 282 17.24 -10.32 -14.84
CA ALA B 282 16.97 -8.94 -15.24
C ALA B 282 15.50 -8.56 -15.05
N VAL B 283 14.61 -9.51 -15.33
CA VAL B 283 13.17 -9.28 -15.17
C VAL B 283 12.68 -9.82 -13.82
N PRO B 284 12.27 -8.91 -12.92
CA PRO B 284 11.86 -9.22 -11.54
C PRO B 284 10.84 -10.35 -11.43
N SER B 285 9.97 -10.47 -12.42
CA SER B 285 8.93 -11.50 -12.41
C SER B 285 9.52 -12.89 -12.61
N GLN B 286 10.73 -12.96 -13.15
CA GLN B 286 11.38 -14.24 -13.40
C GLN B 286 12.25 -14.66 -12.21
N ARG B 287 12.55 -13.71 -11.34
CA ARG B 287 13.27 -14.01 -10.10
C ARG B 287 12.37 -14.83 -9.19
N PRO B 288 12.96 -15.75 -8.41
CA PRO B 288 12.15 -16.55 -7.49
C PRO B 288 11.53 -15.69 -6.40
N THR B 289 10.43 -16.15 -5.82
CA THR B 289 9.87 -15.49 -4.65
C THR B 289 10.54 -16.06 -3.41
N PHE B 290 10.37 -15.36 -2.28
CA PHE B 290 10.94 -15.86 -1.02
C PHE B 290 10.23 -17.14 -0.60
N LYS B 291 8.99 -17.32 -1.06
CA LYS B 291 8.25 -18.55 -0.83
C LYS B 291 8.95 -19.71 -1.54
N GLN B 292 9.34 -19.49 -2.79
CA GLN B 292 10.04 -20.50 -3.57
C GLN B 292 11.46 -20.72 -3.05
N LEU B 293 12.13 -19.63 -2.68
CA LEU B 293 13.49 -19.71 -2.15
C LEU B 293 13.55 -20.55 -0.88
N VAL B 294 12.53 -20.42 -0.03
CA VAL B 294 12.48 -21.17 1.23
C VAL B 294 12.30 -22.66 0.97
N GLU B 295 11.40 -23.01 0.05
CA GLU B 295 11.14 -24.42 -0.27
C GLU B 295 12.39 -25.07 -0.86
N ASP B 296 13.03 -24.40 -1.80
CA ASP B 296 14.25 -24.91 -2.41
C ASP B 296 15.38 -25.04 -1.38
N LEU B 297 15.57 -23.99 -0.58
CA LEU B 297 16.62 -24.00 0.45
C LEU B 297 16.41 -25.12 1.46
N ASP B 298 15.19 -25.25 1.96
CA ASP B 298 14.84 -26.31 2.92
C ASP B 298 15.17 -27.68 2.34
N ARG B 299 14.94 -27.84 1.05
CA ARG B 299 15.28 -29.06 0.34
C ARG B 299 16.79 -29.28 0.32
N ILE B 300 17.53 -28.20 0.12
CA ILE B 300 18.98 -28.28 0.03
C ILE B 300 19.64 -28.60 1.38
N VAL B 301 19.19 -27.96 2.46
CA VAL B 301 19.73 -28.22 3.79
C VAL B 301 19.63 -29.70 4.16
N ALA B 302 18.60 -30.37 3.64
CA ALA B 302 18.37 -31.78 3.89
C ALA B 302 19.40 -32.65 3.17
N LEU B 303 19.89 -32.13 2.05
CA LEU B 303 20.92 -32.81 1.28
C LEU B 303 22.38 -32.34 1.22
N THR B 304 22.92 -31.75 2.29
CA THR B 304 24.08 -30.84 2.25
C THR B 304 25.45 -31.39 2.71
N SER B 305 25.46 -32.32 3.67
CA SER B 305 26.66 -32.83 4.36
C SER B 305 27.11 -31.85 5.42
#